data_1ZW3
#
_entry.id   1ZW3
#
_cell.length_a   51.621
_cell.length_b   72.168
_cell.length_c   96.725
_cell.angle_alpha   90.00
_cell.angle_beta   90.00
_cell.angle_gamma   90.00
#
_symmetry.space_group_name_H-M   'P 21 21 2'
#
loop_
_entity.id
_entity.type
_entity.pdbx_description
1 polymer Vinculin
2 polymer 'Talin 1'
#
loop_
_entity_poly.entity_id
_entity_poly.type
_entity_poly.pdbx_seq_one_letter_code
_entity_poly.pdbx_strand_id
1 'polypeptide(L)'
;MGSSHHHHHHSSGLVPRGSHMPVFHTRTIESILEPVAQQISHLVIMHEEGEVDGKAIPDLTAPVSAVQAAVSNLVRVGKE
TVQTTEDQILKRDMPPAFIKVENACTKLVRAAQMLQADPYSVPARDYLIDGSRGILSGTSDLLLTFDEAEVRKIIRVCKG
ILEYLTVAEVVETMEDLVTYTKNLGPGMTKMAKMIDERQQELTHQEHRVMLVNSMNTVKELLPVLISAMKIFVTTKNTKS
QGIEEALKNRNFTVEKMSAEINEIIRVLQLTSWDEDAWA
;
A
2 'polypeptide(L)' PRWSVLAGHSRTVSDSIKKLITSMR B
#
# COMPACT_ATOMS: atom_id res chain seq x y z
N MET A 21 10.95 2.44 12.92
CA MET A 21 10.30 2.83 14.24
C MET A 21 8.76 3.00 14.25
N PRO A 22 8.08 3.28 13.10
CA PRO A 22 6.61 3.08 13.20
C PRO A 22 6.21 1.64 12.81
N VAL A 23 5.05 1.26 13.28
CA VAL A 23 4.40 0.08 12.77
C VAL A 23 4.48 0.06 11.24
N PHE A 24 4.56 -1.13 10.66
CA PHE A 24 4.57 -1.26 9.20
C PHE A 24 3.16 -1.21 8.71
N HIS A 25 3.03 -0.67 7.52
CA HIS A 25 1.78 -0.10 7.12
C HIS A 25 0.64 -1.06 6.82
N THR A 26 0.91 -2.12 6.07
CA THR A 26 0.00 -3.23 5.80
C THR A 26 0.60 -4.53 6.31
N ARG A 27 -0.16 -5.61 6.45
CA ARG A 27 0.48 -6.88 6.87
C ARG A 27 1.29 -7.58 5.76
N THR A 28 1.09 -7.31 4.48
CA THR A 28 2.04 -7.90 3.50
C THR A 28 3.48 -7.36 3.75
N ILE A 29 3.67 -6.04 3.84
CA ILE A 29 5.00 -5.47 4.12
C ILE A 29 5.57 -5.88 5.45
N GLU A 30 4.78 -5.74 6.49
CA GLU A 30 5.13 -6.26 7.81
C GLU A 30 5.82 -7.62 7.68
N SER A 31 5.12 -8.60 7.10
CA SER A 31 5.74 -9.93 6.93
C SER A 31 7.12 -9.86 6.28
N ILE A 32 7.27 -8.96 5.37
CA ILE A 32 8.46 -8.93 4.57
C ILE A 32 9.69 -8.35 5.26
N LEU A 33 9.40 -7.27 6.01
CA LEU A 33 10.33 -6.20 6.30
C LEU A 33 10.71 -6.13 7.77
N GLU A 34 9.80 -6.61 8.62
CA GLU A 34 10.02 -6.69 10.08
C GLU A 34 11.14 -7.62 10.45
N PRO A 35 11.18 -8.80 9.85
CA PRO A 35 12.23 -9.73 10.16
C PRO A 35 13.64 -9.14 10.01
N VAL A 36 13.75 -8.19 9.09
CA VAL A 36 14.96 -7.52 8.75
C VAL A 36 15.14 -6.45 9.77
N ALA A 37 14.11 -5.65 9.94
CA ALA A 37 14.25 -4.51 10.79
C ALA A 37 14.73 -4.98 12.13
N GLN A 38 14.05 -5.96 12.65
CA GLN A 38 14.48 -6.61 13.86
C GLN A 38 15.98 -6.88 13.85
N GLN A 39 16.40 -7.87 13.07
CA GLN A 39 17.81 -8.29 12.95
C GLN A 39 18.79 -7.13 12.87
N ILE A 40 18.45 -6.10 12.11
CA ILE A 40 19.27 -4.88 12.06
C ILE A 40 19.43 -4.28 13.44
N SER A 41 18.43 -4.36 14.29
CA SER A 41 18.66 -3.95 15.65
C SER A 41 19.58 -4.89 16.36
N HIS A 42 19.32 -6.18 16.20
CA HIS A 42 20.13 -7.16 16.89
C HIS A 42 21.58 -6.82 16.63
N LEU A 43 21.90 -6.49 15.38
CA LEU A 43 23.28 -6.11 14.99
C LEU A 43 23.77 -4.91 15.77
N VAL A 44 22.88 -3.95 15.95
CA VAL A 44 23.21 -2.68 16.50
C VAL A 44 23.55 -2.83 17.96
N ILE A 45 22.69 -3.48 18.73
CA ILE A 45 23.04 -3.83 20.12
C ILE A 45 24.42 -4.45 20.12
N MET A 46 24.56 -5.52 19.40
CA MET A 46 25.82 -6.17 19.24
C MET A 46 26.96 -5.23 19.05
N HIS A 47 26.86 -4.36 18.04
CA HIS A 47 28.01 -3.53 17.71
C HIS A 47 28.29 -2.80 19.00
N GLU A 48 27.31 -2.03 19.45
CA GLU A 48 27.52 -1.00 20.49
C GLU A 48 27.57 -1.47 21.92
N GLU A 49 27.50 -2.76 22.16
CA GLU A 49 27.82 -3.24 23.48
C GLU A 49 29.06 -4.07 23.41
N GLY A 50 30.19 -3.38 23.45
CA GLY A 50 31.50 -4.01 23.45
C GLY A 50 32.03 -4.59 22.13
N GLU A 51 31.27 -5.50 21.52
CA GLU A 51 31.90 -6.77 21.12
C GLU A 51 31.47 -7.61 19.84
N VAL A 52 31.24 -6.97 18.66
CA VAL A 52 31.66 -7.66 17.39
C VAL A 52 33.20 -7.42 17.28
N ASP A 53 33.68 -6.52 18.17
CA ASP A 53 35.07 -6.04 18.31
C ASP A 53 36.00 -7.11 18.95
N GLY A 54 35.38 -8.22 19.35
CA GLY A 54 36.04 -9.52 19.40
C GLY A 54 36.39 -9.82 17.97
N LYS A 55 35.90 -10.92 17.43
CA LYS A 55 36.63 -11.58 16.33
C LYS A 55 36.39 -11.11 14.89
N ALA A 56 37.40 -11.44 14.10
CA ALA A 56 37.24 -12.12 12.77
C ALA A 56 36.13 -11.74 11.70
N ILE A 57 34.90 -11.41 12.10
CA ILE A 57 33.87 -11.09 11.10
C ILE A 57 34.34 -11.70 9.75
N PRO A 58 34.15 -13.00 9.57
CA PRO A 58 34.78 -13.66 8.42
C PRO A 58 34.51 -13.08 6.98
N ASP A 59 35.38 -13.44 6.05
CA ASP A 59 35.26 -13.00 4.68
C ASP A 59 33.79 -13.11 4.36
N LEU A 60 33.31 -11.97 3.91
CA LEU A 60 31.91 -11.65 3.91
C LEU A 60 31.55 -11.24 2.48
N THR A 61 32.47 -11.49 1.56
CA THR A 61 32.30 -11.12 0.19
C THR A 61 31.11 -11.82 -0.35
N ALA A 62 30.98 -13.09 0.01
CA ALA A 62 29.95 -13.96 -0.51
C ALA A 62 28.52 -13.60 -0.15
N PRO A 63 28.20 -13.53 1.17
CA PRO A 63 26.94 -12.93 1.70
C PRO A 63 26.60 -11.63 1.10
N VAL A 64 27.57 -10.76 0.94
CA VAL A 64 27.27 -9.52 0.33
C VAL A 64 26.85 -9.77 -1.07
N SER A 65 27.71 -10.39 -1.84
CA SER A 65 27.38 -10.54 -3.22
C SER A 65 26.01 -11.16 -3.38
N ALA A 66 25.71 -12.16 -2.54
CA ALA A 66 24.33 -12.59 -2.33
C ALA A 66 23.43 -11.39 -2.42
N VAL A 67 23.65 -10.44 -1.48
CA VAL A 67 22.77 -9.27 -1.26
C VAL A 67 22.67 -8.45 -2.51
N GLN A 68 23.81 -8.25 -3.16
CA GLN A 68 23.91 -7.45 -4.39
C GLN A 68 23.06 -7.92 -5.56
N ALA A 69 23.09 -9.25 -5.77
CA ALA A 69 22.34 -9.91 -6.81
C ALA A 69 20.86 -9.68 -6.58
N ALA A 70 20.44 -9.82 -5.33
CA ALA A 70 19.01 -9.73 -4.97
C ALA A 70 18.46 -8.36 -5.31
N VAL A 71 19.20 -7.34 -4.85
CA VAL A 71 18.95 -5.94 -5.12
C VAL A 71 19.04 -5.63 -6.57
N SER A 72 20.04 -6.19 -7.25
CA SER A 72 20.09 -5.97 -8.66
C SER A 72 18.80 -6.44 -9.28
N ASN A 73 18.34 -7.62 -8.85
CA ASN A 73 17.04 -8.04 -9.27
C ASN A 73 15.90 -7.21 -9.01
N LEU A 74 15.90 -6.67 -7.81
CA LEU A 74 14.79 -5.84 -7.37
C LEU A 74 14.66 -4.67 -8.27
N VAL A 75 15.78 -4.01 -8.50
CA VAL A 75 15.82 -2.88 -9.39
C VAL A 75 15.31 -3.27 -10.75
N ARG A 76 15.90 -4.33 -11.32
CA ARG A 76 15.38 -4.94 -12.52
C ARG A 76 13.83 -4.76 -12.64
N VAL A 77 13.10 -5.26 -11.65
CA VAL A 77 11.64 -5.24 -11.66
C VAL A 77 11.01 -3.85 -11.41
N GLY A 78 11.58 -3.07 -10.49
CA GLY A 78 11.14 -1.68 -10.32
C GLY A 78 11.24 -0.91 -11.63
N LYS A 79 12.44 -0.89 -12.20
CA LYS A 79 12.67 -0.34 -13.54
C LYS A 79 11.68 -0.91 -14.55
N GLU A 80 11.49 -2.23 -14.58
CA GLU A 80 10.45 -2.79 -15.48
C GLU A 80 9.15 -2.01 -15.19
N THR A 81 8.70 -2.08 -13.94
CA THR A 81 7.49 -1.44 -13.54
C THR A 81 7.40 0.01 -14.00
N VAL A 82 8.38 0.84 -13.67
CA VAL A 82 8.35 2.25 -14.07
C VAL A 82 7.98 2.40 -15.54
N GLN A 83 8.71 1.69 -16.38
CA GLN A 83 8.61 1.90 -17.81
C GLN A 83 7.26 1.39 -18.41
N THR A 84 6.61 0.43 -17.76
CA THR A 84 5.17 0.22 -18.02
C THR A 84 4.33 1.30 -17.28
N THR A 85 3.25 0.89 -16.60
CA THR A 85 2.48 1.74 -15.69
C THR A 85 2.05 3.14 -16.10
N GLU A 86 0.76 3.39 -16.01
CA GLU A 86 0.21 4.70 -16.33
C GLU A 86 0.47 5.72 -15.24
N ASP A 87 0.78 5.26 -14.02
CA ASP A 87 0.80 6.19 -12.89
C ASP A 87 2.08 7.02 -12.93
N GLN A 88 1.92 8.34 -13.10
CA GLN A 88 3.08 9.21 -13.29
C GLN A 88 3.74 9.54 -11.92
N ILE A 89 2.99 9.48 -10.81
CA ILE A 89 3.56 9.61 -9.44
C ILE A 89 4.45 8.38 -9.10
N LEU A 90 4.04 7.24 -9.64
CA LEU A 90 4.86 6.07 -9.57
C LEU A 90 6.14 6.38 -10.27
N LYS A 91 6.04 6.75 -11.56
CA LYS A 91 7.20 7.15 -12.40
C LYS A 91 8.16 8.07 -11.65
N ARG A 92 7.64 9.05 -10.94
CA ARG A 92 8.49 9.98 -10.23
C ARG A 92 9.16 9.35 -9.02
N ASP A 93 8.40 8.60 -8.25
CA ASP A 93 8.79 8.32 -6.89
C ASP A 93 9.63 7.04 -6.68
N MET A 94 9.51 6.09 -7.56
CA MET A 94 10.22 4.87 -7.40
C MET A 94 11.72 4.92 -7.72
N PRO A 95 12.13 5.63 -8.79
CA PRO A 95 13.56 5.74 -9.04
C PRO A 95 14.45 5.88 -7.82
N PRO A 96 14.27 6.93 -6.98
CA PRO A 96 15.18 7.12 -5.83
C PRO A 96 15.32 5.90 -4.93
N ALA A 97 14.28 5.08 -4.83
CA ALA A 97 14.41 3.85 -4.10
C ALA A 97 15.58 3.13 -4.65
N PHE A 98 15.58 3.00 -5.96
CA PHE A 98 16.61 2.30 -6.65
C PHE A 98 17.95 2.80 -6.24
N ILE A 99 18.12 4.09 -6.10
CA ILE A 99 19.42 4.61 -5.65
C ILE A 99 19.73 4.25 -4.23
N LYS A 100 18.78 4.59 -3.38
CA LYS A 100 18.91 4.51 -1.92
C LYS A 100 19.52 3.15 -1.64
N VAL A 101 18.92 2.18 -2.32
CA VAL A 101 19.16 0.79 -2.19
C VAL A 101 20.45 0.46 -2.93
N GLU A 102 20.67 1.06 -4.10
CA GLU A 102 21.86 0.79 -4.91
C GLU A 102 23.06 1.31 -4.18
N ASN A 103 22.93 2.52 -3.73
CA ASN A 103 23.97 3.09 -2.92
C ASN A 103 24.25 2.26 -1.69
N ALA A 104 23.22 1.77 -1.05
CA ALA A 104 23.39 0.95 0.15
C ALA A 104 24.43 -0.09 -0.04
N CYS A 105 24.38 -0.76 -1.20
CA CYS A 105 25.27 -1.88 -1.51
C CYS A 105 26.70 -1.47 -1.56
N THR A 106 27.01 -0.50 -2.40
CA THR A 106 28.26 0.19 -2.27
C THR A 106 28.77 0.15 -0.82
N LYS A 107 28.03 0.67 0.15
CA LYS A 107 28.51 0.59 1.55
C LYS A 107 28.79 -0.88 2.07
N LEU A 108 27.98 -1.84 1.64
CA LEU A 108 28.22 -3.24 2.01
C LEU A 108 29.51 -3.80 1.42
N VAL A 109 29.72 -3.51 0.13
CA VAL A 109 30.86 -4.03 -0.59
C VAL A 109 32.12 -3.54 0.06
N ARG A 110 32.07 -2.32 0.53
CA ARG A 110 33.25 -1.70 1.05
C ARG A 110 33.63 -2.35 2.39
N ALA A 111 32.61 -2.52 3.20
CA ALA A 111 32.72 -3.14 4.47
C ALA A 111 33.36 -4.48 4.28
N ALA A 112 33.04 -5.15 3.18
CA ALA A 112 33.53 -6.52 2.89
C ALA A 112 35.03 -6.54 2.75
N GLN A 113 35.47 -6.17 1.55
CA GLN A 113 36.71 -5.43 1.36
C GLN A 113 37.40 -4.91 2.60
N MET A 114 36.81 -4.04 3.39
CA MET A 114 37.56 -3.60 4.57
C MET A 114 37.88 -4.77 5.50
N LEU A 115 36.98 -5.72 5.57
CA LEU A 115 37.10 -6.83 6.52
C LEU A 115 38.08 -7.91 6.01
N GLN A 116 37.91 -8.32 4.77
CA GLN A 116 38.92 -9.11 4.14
C GLN A 116 40.33 -8.58 4.57
N ALA A 117 40.54 -7.27 4.57
CA ALA A 117 41.84 -6.73 4.99
C ALA A 117 42.06 -6.73 6.48
N ASP A 118 41.08 -6.23 7.19
CA ASP A 118 41.18 -6.16 8.63
C ASP A 118 39.89 -6.48 9.34
N PRO A 119 39.72 -7.77 9.76
CA PRO A 119 38.64 -8.30 10.59
C PRO A 119 38.25 -7.47 11.76
N TYR A 120 39.18 -6.73 12.35
CA TYR A 120 38.89 -5.82 13.46
C TYR A 120 38.47 -4.41 13.02
N SER A 121 38.31 -4.23 11.72
CA SER A 121 37.92 -2.96 11.13
C SER A 121 36.69 -2.42 11.74
N VAL A 122 36.82 -1.24 12.28
CA VAL A 122 35.72 -0.63 12.99
C VAL A 122 34.78 0.11 12.05
N PRO A 123 35.30 0.85 11.04
CA PRO A 123 34.30 1.54 10.20
C PRO A 123 33.53 0.58 9.31
N ALA A 124 34.08 -0.62 9.08
CA ALA A 124 33.36 -1.66 8.39
C ALA A 124 32.09 -1.96 9.13
N ARG A 125 32.19 -2.18 10.44
CA ARG A 125 30.99 -2.44 11.21
C ARG A 125 29.95 -1.33 11.04
N ASP A 126 30.36 -0.06 11.05
CA ASP A 126 29.37 1.02 10.87
C ASP A 126 28.77 0.96 9.48
N TYR A 127 29.64 0.69 8.52
CA TYR A 127 29.22 0.57 7.15
C TYR A 127 28.18 -0.51 6.95
N LEU A 128 28.31 -1.59 7.73
CA LEU A 128 27.46 -2.77 7.58
C LEU A 128 26.10 -2.48 8.06
N ILE A 129 26.04 -1.97 9.29
CA ILE A 129 24.81 -1.37 9.83
C ILE A 129 24.12 -0.51 8.79
N ASP A 130 24.86 0.53 8.43
CA ASP A 130 24.28 1.50 7.59
C ASP A 130 23.91 1.08 6.21
N GLY A 131 24.50 -0.01 5.72
CA GLY A 131 24.09 -0.60 4.47
C GLY A 131 22.74 -1.20 4.63
N SER A 132 22.66 -2.16 5.53
CA SER A 132 21.38 -2.76 5.90
C SER A 132 20.23 -1.77 6.12
N ARG A 133 20.48 -0.76 6.94
CA ARG A 133 19.47 0.21 7.22
C ARG A 133 19.06 0.88 5.97
N GLY A 134 20.03 1.05 5.07
CA GLY A 134 19.79 1.66 3.77
C GLY A 134 18.89 0.77 2.99
N ILE A 135 19.08 -0.54 3.11
CA ILE A 135 18.37 -1.41 2.25
C ILE A 135 16.97 -1.57 2.72
N LEU A 136 16.82 -1.80 4.02
CA LEU A 136 15.55 -1.64 4.63
C LEU A 136 14.82 -0.39 4.08
N SER A 137 15.47 0.76 4.26
CA SER A 137 14.79 1.97 3.95
C SER A 137 14.35 2.02 2.50
N GLY A 138 15.28 1.74 1.59
CA GLY A 138 14.98 1.75 0.15
C GLY A 138 13.75 0.93 -0.13
N THR A 139 13.93 -0.39 -0.03
CA THR A 139 12.89 -1.41 -0.06
C THR A 139 11.58 -0.99 0.65
N SER A 140 11.69 -0.45 1.84
CA SER A 140 10.49 0.07 2.46
C SER A 140 9.76 1.03 1.54
N ASP A 141 10.45 2.09 1.09
CA ASP A 141 9.90 3.18 0.26
C ASP A 141 9.32 2.59 -0.97
N LEU A 142 10.16 1.82 -1.64
CA LEU A 142 9.85 1.10 -2.84
C LEU A 142 8.51 0.41 -2.70
N LEU A 143 8.33 -0.37 -1.64
CA LEU A 143 7.06 -1.02 -1.34
C LEU A 143 6.00 -0.01 -1.05
N LEU A 144 6.28 1.03 -0.24
CA LEU A 144 5.29 2.07 0.02
C LEU A 144 4.75 2.76 -1.23
N THR A 145 5.53 2.80 -2.31
CA THR A 145 5.04 3.49 -3.48
C THR A 145 4.14 2.65 -4.24
N PHE A 146 4.55 1.43 -4.48
CA PHE A 146 3.69 0.55 -5.20
C PHE A 146 2.35 0.44 -4.49
N ASP A 147 2.36 0.49 -3.16
CA ASP A 147 1.13 0.43 -2.40
C ASP A 147 0.34 1.73 -2.51
N GLU A 148 1.00 2.87 -2.33
CA GLU A 148 0.32 4.15 -2.52
C GLU A 148 -0.44 4.12 -3.81
N ALA A 149 0.21 3.68 -4.88
CA ALA A 149 -0.46 3.50 -6.15
C ALA A 149 -1.61 2.50 -6.09
N GLU A 150 -1.36 1.34 -5.52
CA GLU A 150 -2.42 0.37 -5.26
C GLU A 150 -3.58 1.01 -4.54
N VAL A 151 -3.35 1.92 -3.61
CA VAL A 151 -4.50 2.62 -3.05
C VAL A 151 -5.13 3.56 -4.09
N ARG A 152 -4.33 4.31 -4.86
CA ARG A 152 -4.89 5.27 -5.79
C ARG A 152 -5.89 4.66 -6.76
N LYS A 153 -5.71 3.40 -7.16
CA LYS A 153 -6.67 2.80 -8.08
C LYS A 153 -8.05 2.69 -7.42
N ILE A 154 -8.07 2.20 -6.20
CA ILE A 154 -9.29 2.09 -5.39
C ILE A 154 -9.98 3.45 -5.35
N ILE A 155 -9.24 4.44 -4.94
CA ILE A 155 -9.80 5.74 -4.98
C ILE A 155 -10.52 5.97 -6.34
N ARG A 156 -9.80 5.85 -7.45
CA ARG A 156 -10.46 6.07 -8.76
C ARG A 156 -11.83 5.37 -8.81
N VAL A 157 -11.93 4.19 -8.25
CA VAL A 157 -13.17 3.49 -8.32
C VAL A 157 -14.23 4.29 -7.62
N CYS A 158 -13.90 4.75 -6.42
CA CYS A 158 -14.87 5.34 -5.50
C CYS A 158 -15.39 6.61 -6.06
N LYS A 159 -14.50 7.27 -6.77
CA LYS A 159 -14.79 8.54 -7.36
C LYS A 159 -15.81 8.23 -8.42
N GLY A 160 -15.63 7.09 -9.08
CA GLY A 160 -16.50 6.65 -10.19
C GLY A 160 -17.92 6.51 -9.71
N ILE A 161 -18.07 5.79 -8.62
CA ILE A 161 -19.33 5.73 -7.93
C ILE A 161 -19.89 7.12 -7.56
N LEU A 162 -19.05 7.91 -6.91
CA LEU A 162 -19.41 9.25 -6.46
C LEU A 162 -20.06 10.05 -7.54
N GLU A 163 -19.54 9.89 -8.76
CA GLU A 163 -19.97 10.65 -9.90
C GLU A 163 -21.32 10.18 -10.23
N TYR A 164 -21.50 8.87 -10.24
CA TYR A 164 -22.77 8.29 -10.65
C TYR A 164 -23.94 8.72 -9.75
N LEU A 165 -23.71 8.67 -8.44
CA LEU A 165 -24.66 9.17 -7.48
C LEU A 165 -25.19 10.51 -7.90
N THR A 166 -24.32 11.48 -8.12
CA THR A 166 -24.66 12.64 -9.01
C THR A 166 -25.78 12.39 -10.09
N VAL A 167 -25.65 11.33 -10.85
CA VAL A 167 -26.55 11.07 -11.93
C VAL A 167 -27.93 10.56 -11.51
N ALA A 168 -28.11 10.21 -10.23
CA ALA A 168 -29.40 9.74 -9.72
C ALA A 168 -30.47 10.82 -9.84
N GLU A 169 -30.06 12.10 -9.87
CA GLU A 169 -30.99 13.25 -9.80
C GLU A 169 -31.63 13.55 -11.11
N VAL A 170 -31.26 12.77 -12.09
CA VAL A 170 -31.90 12.86 -13.37
C VAL A 170 -32.66 11.59 -13.72
N VAL A 171 -32.31 10.44 -13.16
CA VAL A 171 -33.18 9.35 -13.42
C VAL A 171 -34.62 9.82 -13.17
N GLU A 172 -35.39 9.85 -14.27
CA GLU A 172 -36.78 10.33 -14.29
C GLU A 172 -37.83 9.33 -14.80
N THR A 173 -37.44 8.16 -15.32
CA THR A 173 -38.40 7.07 -15.62
C THR A 173 -38.07 5.66 -15.16
N MET A 174 -39.05 4.79 -15.36
CA MET A 174 -38.79 3.38 -15.27
C MET A 174 -37.57 2.90 -16.16
N GLU A 175 -37.59 3.16 -17.49
CA GLU A 175 -36.44 2.83 -18.38
C GLU A 175 -35.14 3.12 -17.68
N ASP A 176 -34.85 4.41 -17.51
CA ASP A 176 -33.61 4.87 -16.91
C ASP A 176 -33.34 4.29 -15.53
N LEU A 177 -34.38 4.03 -14.76
CA LEU A 177 -34.14 3.48 -13.43
C LEU A 177 -33.41 2.22 -13.63
N VAL A 178 -33.96 1.35 -14.47
CA VAL A 178 -33.41 0.01 -14.57
C VAL A 178 -31.97 0.05 -15.11
N THR A 179 -31.86 0.71 -16.25
CA THR A 179 -30.59 1.15 -16.78
C THR A 179 -29.66 1.61 -15.68
N TYR A 180 -30.05 2.63 -14.91
CA TYR A 180 -29.20 3.13 -13.82
C TYR A 180 -28.85 2.02 -12.86
N THR A 181 -29.83 1.36 -12.29
CA THR A 181 -29.46 0.39 -11.27
C THR A 181 -28.64 -0.76 -11.84
N LYS A 182 -28.84 -1.07 -13.13
CA LYS A 182 -28.07 -2.13 -13.77
C LYS A 182 -26.58 -1.91 -13.61
N ASN A 183 -26.14 -0.67 -13.55
CA ASN A 183 -24.71 -0.38 -13.41
C ASN A 183 -24.32 -0.11 -11.95
N LEU A 184 -25.05 0.77 -11.28
CA LEU A 184 -24.75 1.03 -9.91
C LEU A 184 -24.51 -0.31 -9.23
N GLY A 185 -25.54 -1.15 -9.06
CA GLY A 185 -25.46 -2.37 -8.19
C GLY A 185 -24.14 -3.18 -8.12
N PRO A 186 -23.49 -3.40 -9.28
CA PRO A 186 -22.16 -3.93 -9.58
C PRO A 186 -20.93 -3.06 -9.30
N GLY A 187 -20.90 -1.84 -9.85
CA GLY A 187 -19.92 -0.82 -9.38
C GLY A 187 -19.75 -0.90 -7.86
N MET A 188 -20.86 -0.86 -7.14
CA MET A 188 -20.84 -1.17 -5.75
C MET A 188 -20.17 -2.50 -5.43
N THR A 189 -20.51 -3.58 -6.12
CA THR A 189 -19.89 -4.86 -5.73
C THR A 189 -18.36 -4.79 -5.89
N LYS A 190 -17.86 -4.29 -7.04
CA LYS A 190 -16.39 -4.08 -7.25
C LYS A 190 -15.73 -3.26 -6.10
N MET A 191 -16.30 -2.12 -5.72
CA MET A 191 -15.73 -1.33 -4.63
C MET A 191 -15.70 -2.10 -3.34
N ALA A 192 -16.88 -2.58 -2.96
CA ALA A 192 -17.09 -3.56 -1.92
C ALA A 192 -16.05 -4.68 -1.84
N LYS A 193 -15.86 -5.39 -2.95
CA LYS A 193 -14.79 -6.36 -3.01
C LYS A 193 -13.53 -5.75 -2.42
N MET A 194 -13.09 -4.64 -2.99
CA MET A 194 -11.71 -4.18 -2.73
C MET A 194 -11.49 -3.47 -1.43
N ILE A 195 -12.49 -2.73 -0.97
CA ILE A 195 -12.43 -2.21 0.34
C ILE A 195 -12.22 -3.37 1.29
N ASP A 196 -13.07 -4.38 1.19
CA ASP A 196 -13.00 -5.49 2.12
C ASP A 196 -11.63 -6.14 2.09
N GLU A 197 -11.21 -6.45 0.87
CA GLU A 197 -9.94 -7.15 0.75
C GLU A 197 -8.83 -6.19 1.13
N ARG A 198 -9.08 -4.88 1.00
CA ARG A 198 -8.13 -3.89 1.48
C ARG A 198 -8.11 -3.78 2.99
N GLN A 199 -9.25 -3.76 3.63
CA GLN A 199 -9.23 -3.56 5.07
C GLN A 199 -8.48 -4.72 5.75
N GLN A 200 -8.64 -5.94 5.26
CA GLN A 200 -7.90 -7.04 5.90
C GLN A 200 -6.41 -6.80 5.84
N GLU A 201 -6.00 -5.86 5.00
CA GLU A 201 -4.59 -5.65 4.76
C GLU A 201 -4.01 -4.82 5.88
N LEU A 202 -4.78 -3.92 6.47
CA LEU A 202 -4.16 -2.87 7.27
C LEU A 202 -3.76 -3.33 8.68
N THR A 203 -2.87 -2.55 9.33
CA THR A 203 -2.39 -2.77 10.70
C THR A 203 -2.96 -1.86 11.79
N HIS A 204 -4.06 -1.19 11.50
CA HIS A 204 -4.57 -0.26 12.44
C HIS A 204 -6.01 -0.65 12.50
N GLN A 205 -6.52 -0.96 13.72
CA GLN A 205 -7.90 -1.50 13.84
C GLN A 205 -8.87 -0.41 13.63
N GLU A 206 -8.54 0.79 14.04
CA GLU A 206 -9.49 1.90 13.96
C GLU A 206 -9.83 2.23 12.51
N HIS A 207 -8.77 2.25 11.70
CA HIS A 207 -8.86 2.36 10.25
C HIS A 207 -9.56 1.16 9.60
N ARG A 208 -9.24 -0.05 10.04
CA ARG A 208 -9.98 -1.21 9.57
C ARG A 208 -11.40 -1.01 9.91
N VAL A 209 -11.69 -0.42 11.05
CA VAL A 209 -13.09 -0.33 11.44
C VAL A 209 -13.68 0.74 10.57
N MET A 210 -13.22 1.93 10.78
CA MET A 210 -13.72 3.01 10.02
C MET A 210 -14.12 2.65 8.64
N LEU A 211 -13.28 1.92 7.93
CA LEU A 211 -13.61 1.57 6.58
C LEU A 211 -14.85 0.81 6.51
N VAL A 212 -14.90 -0.26 7.30
CA VAL A 212 -15.93 -1.27 7.19
C VAL A 212 -17.25 -0.70 7.56
N ASN A 213 -17.26 0.08 8.62
CA ASN A 213 -18.53 0.65 8.99
C ASN A 213 -18.95 1.48 7.84
N SER A 214 -18.13 2.44 7.45
CA SER A 214 -18.48 3.28 6.30
C SER A 214 -18.85 2.50 4.99
N MET A 215 -18.29 1.36 4.75
CA MET A 215 -18.77 0.55 3.66
C MET A 215 -20.09 -0.19 3.95
N ASN A 216 -20.25 -0.69 5.16
CA ASN A 216 -21.49 -1.37 5.48
C ASN A 216 -22.60 -0.31 5.40
N THR A 217 -22.40 0.80 6.11
CA THR A 217 -23.23 1.97 5.94
C THR A 217 -23.61 2.24 4.47
N VAL A 218 -23.08 1.52 3.48
CA VAL A 218 -23.34 1.92 2.08
C VAL A 218 -23.88 0.77 1.26
N LYS A 219 -23.25 -0.37 1.42
CA LYS A 219 -23.90 -1.63 1.22
C LYS A 219 -25.46 -1.56 1.44
N GLU A 220 -25.87 -0.75 2.42
CA GLU A 220 -27.26 -0.75 2.95
C GLU A 220 -28.10 0.47 2.59
N LEU A 221 -27.50 1.56 2.15
CA LEU A 221 -28.32 2.62 1.56
C LEU A 221 -28.57 2.33 0.07
N LEU A 222 -27.88 1.37 -0.47
CA LEU A 222 -28.06 1.11 -1.84
C LEU A 222 -29.51 0.91 -2.17
N PRO A 223 -30.22 0.05 -1.44
CA PRO A 223 -31.61 -0.23 -1.81
C PRO A 223 -32.55 0.89 -1.42
N VAL A 224 -32.15 1.62 -0.37
CA VAL A 224 -32.81 2.85 0.01
C VAL A 224 -32.68 3.79 -1.17
N LEU A 225 -31.47 3.99 -1.64
CA LEU A 225 -31.33 4.78 -2.81
C LEU A 225 -32.29 4.28 -3.87
N ILE A 226 -32.45 2.98 -4.00
CA ILE A 226 -33.26 2.53 -5.08
C ILE A 226 -34.69 3.04 -4.87
N SER A 227 -35.26 2.68 -3.72
CA SER A 227 -36.67 2.92 -3.43
C SER A 227 -36.95 4.37 -3.39
N ALA A 228 -36.05 5.14 -2.79
CA ALA A 228 -36.09 6.57 -2.84
C ALA A 228 -36.41 6.99 -4.26
N MET A 229 -35.62 6.46 -5.18
CA MET A 229 -35.76 6.84 -6.54
C MET A 229 -37.02 6.30 -7.10
N LYS A 230 -37.25 5.00 -6.97
CA LYS A 230 -38.52 4.42 -7.46
C LYS A 230 -39.68 5.36 -7.22
N ILE A 231 -39.75 5.87 -6.02
CA ILE A 231 -40.83 6.73 -5.63
C ILE A 231 -40.82 7.99 -6.41
N PHE A 232 -39.68 8.62 -6.53
CA PHE A 232 -39.64 9.82 -7.33
C PHE A 232 -40.18 9.50 -8.71
N VAL A 233 -39.75 8.39 -9.26
CA VAL A 233 -40.12 8.00 -10.60
C VAL A 233 -41.60 7.60 -10.69
N THR A 234 -42.14 7.06 -9.62
CA THR A 234 -43.55 6.83 -9.57
C THR A 234 -44.28 8.15 -9.56
N THR A 235 -43.97 9.03 -8.62
CA THR A 235 -44.87 10.17 -8.44
C THR A 235 -44.81 11.21 -9.55
N LYS A 236 -43.63 11.32 -10.17
CA LYS A 236 -43.41 12.15 -11.32
C LYS A 236 -44.32 11.66 -12.42
N ASN A 237 -44.30 10.36 -12.67
CA ASN A 237 -45.13 9.78 -13.71
C ASN A 237 -46.66 9.75 -13.39
N THR A 238 -47.04 10.00 -12.12
CA THR A 238 -48.47 10.17 -11.71
C THR A 238 -48.94 11.64 -11.62
N LYS A 239 -48.04 12.56 -11.98
CA LYS A 239 -48.25 14.04 -11.96
C LYS A 239 -48.82 14.56 -10.61
N SER A 240 -48.34 14.01 -9.48
CA SER A 240 -48.97 14.31 -8.19
C SER A 240 -47.98 14.69 -7.05
N GLN A 241 -48.48 14.63 -5.81
CA GLN A 241 -48.38 15.77 -4.86
C GLN A 241 -46.99 16.17 -4.29
N GLY A 242 -46.43 15.22 -3.52
CA GLY A 242 -45.18 15.39 -2.79
C GLY A 242 -44.06 14.65 -3.51
N ILE A 243 -43.90 14.99 -4.78
CA ILE A 243 -42.62 14.83 -5.45
C ILE A 243 -41.53 15.45 -4.54
N GLU A 244 -41.52 16.77 -4.42
CA GLU A 244 -41.03 17.50 -3.23
C GLU A 244 -40.36 16.75 -2.08
N GLU A 245 -40.97 15.65 -1.64
CA GLU A 245 -40.50 14.92 -0.47
C GLU A 245 -39.57 13.78 -0.90
N ALA A 246 -40.02 13.03 -1.90
CA ALA A 246 -39.24 11.94 -2.47
C ALA A 246 -37.92 12.48 -2.94
N LEU A 247 -38.05 13.58 -3.65
CA LEU A 247 -36.96 14.37 -4.08
C LEU A 247 -35.98 14.59 -2.93
N LYS A 248 -36.43 14.79 -1.71
CA LYS A 248 -35.43 15.00 -0.66
C LYS A 248 -35.00 13.75 0.11
N ASN A 249 -35.91 12.87 0.46
CA ASN A 249 -35.48 11.61 1.03
C ASN A 249 -34.55 10.91 0.07
N ARG A 250 -34.65 11.27 -1.21
CA ARG A 250 -33.74 10.76 -2.17
C ARG A 250 -32.43 11.48 -2.08
N ASN A 251 -32.42 12.78 -2.26
CA ASN A 251 -31.15 13.45 -2.34
C ASN A 251 -30.31 13.23 -1.12
N PHE A 252 -30.94 13.24 0.03
CA PHE A 252 -30.26 12.95 1.28
C PHE A 252 -29.49 11.63 1.21
N THR A 253 -30.17 10.58 0.80
CA THR A 253 -29.54 9.30 0.60
C THR A 253 -28.24 9.39 -0.17
N VAL A 254 -28.22 10.22 -1.20
CA VAL A 254 -27.03 10.46 -2.00
C VAL A 254 -26.06 11.28 -1.19
N GLU A 255 -26.56 12.11 -0.32
CA GLU A 255 -25.66 12.87 0.51
C GLU A 255 -24.98 12.01 1.57
N LYS A 256 -25.68 11.05 2.13
CA LYS A 256 -25.07 10.13 3.07
C LYS A 256 -24.10 9.25 2.35
N MET A 257 -24.54 8.69 1.22
CA MET A 257 -23.75 7.73 0.51
C MET A 257 -22.43 8.36 0.15
N SER A 258 -22.53 9.41 -0.64
CA SER A 258 -21.40 10.24 -0.96
C SER A 258 -20.57 10.59 0.29
N ALA A 259 -21.16 11.22 1.29
CA ALA A 259 -20.41 11.64 2.49
C ALA A 259 -19.63 10.50 3.02
N GLU A 260 -20.24 9.33 3.02
CA GLU A 260 -19.53 8.19 3.52
C GLU A 260 -18.42 7.84 2.57
N ILE A 261 -18.72 7.66 1.31
CA ILE A 261 -17.64 7.29 0.40
C ILE A 261 -16.41 8.20 0.55
N ASN A 262 -16.55 9.53 0.61
CA ASN A 262 -15.38 10.39 0.79
C ASN A 262 -14.63 10.04 2.06
N GLU A 263 -15.35 9.46 3.00
CA GLU A 263 -14.74 9.11 4.24
C GLU A 263 -13.86 7.93 4.03
N ILE A 264 -14.34 6.95 3.27
CA ILE A 264 -13.55 5.78 2.90
C ILE A 264 -12.27 6.16 2.23
N ILE A 265 -12.42 7.03 1.24
CA ILE A 265 -11.31 7.63 0.54
C ILE A 265 -10.32 8.20 1.52
N ARG A 266 -10.85 8.98 2.46
CA ARG A 266 -10.03 9.60 3.52
C ARG A 266 -9.21 8.55 4.23
N VAL A 267 -9.82 7.43 4.53
CA VAL A 267 -9.20 6.52 5.42
C VAL A 267 -8.09 5.80 4.71
N LEU A 268 -8.42 5.22 3.58
CA LEU A 268 -7.41 4.67 2.66
C LEU A 268 -6.08 5.44 2.66
N GLN A 269 -6.17 6.76 2.68
CA GLN A 269 -5.00 7.65 2.59
C GLN A 269 -4.22 7.91 3.89
N LEU A 270 -4.36 7.04 4.90
CA LEU A 270 -3.78 7.35 6.21
C LEU A 270 -2.54 6.51 6.39
N THR A 271 -1.51 7.02 7.09
CA THR A 271 -0.44 6.23 7.82
C THR A 271 -0.88 4.90 8.66
N TRP B 3 3.32 -6.63 -9.27
CA TRP B 3 2.25 -6.69 -8.22
C TRP B 3 2.67 -7.47 -6.93
N SER B 4 2.45 -8.77 -6.89
CA SER B 4 3.08 -9.53 -5.84
C SER B 4 4.48 -9.91 -6.28
N VAL B 5 4.73 -10.03 -7.59
CA VAL B 5 6.15 -10.19 -8.12
C VAL B 5 7.13 -9.16 -7.57
N LEU B 6 6.72 -7.90 -7.54
CA LEU B 6 7.56 -6.88 -6.96
C LEU B 6 7.88 -7.33 -5.53
N ALA B 7 6.85 -7.51 -4.70
CA ALA B 7 7.04 -7.98 -3.33
C ALA B 7 7.89 -9.24 -3.32
N GLY B 8 7.61 -10.15 -4.24
CA GLY B 8 8.41 -11.36 -4.38
C GLY B 8 9.90 -11.10 -4.20
N HIS B 9 10.43 -10.16 -5.01
CA HIS B 9 11.87 -9.80 -4.96
C HIS B 9 12.34 -9.10 -3.71
N SER B 10 11.47 -8.29 -3.10
CA SER B 10 11.81 -7.52 -1.94
C SER B 10 11.91 -8.46 -0.81
N ARG B 11 11.14 -9.55 -0.84
CA ARG B 11 11.25 -10.54 0.24
C ARG B 11 12.58 -11.22 0.12
N THR B 12 13.06 -11.43 -1.09
CA THR B 12 14.38 -12.03 -1.22
C THR B 12 15.44 -11.19 -0.56
N VAL B 13 15.52 -9.91 -0.97
CA VAL B 13 16.54 -8.95 -0.52
C VAL B 13 16.66 -9.02 0.96
N SER B 14 15.51 -9.13 1.61
CA SER B 14 15.42 -9.32 3.04
C SER B 14 16.20 -10.52 3.52
N ASP B 15 16.00 -11.68 2.94
CA ASP B 15 16.78 -12.84 3.41
C ASP B 15 18.26 -12.62 3.11
N SER B 16 18.54 -11.99 1.97
CA SER B 16 19.90 -11.69 1.53
C SER B 16 20.63 -11.01 2.60
N ILE B 17 19.93 -10.03 3.17
CA ILE B 17 20.39 -9.27 4.29
C ILE B 17 20.49 -10.09 5.54
N LYS B 18 19.38 -10.62 5.98
CA LYS B 18 19.32 -11.37 7.20
C LYS B 18 20.39 -12.47 7.25
N LYS B 19 20.43 -13.30 6.21
CA LYS B 19 21.49 -14.27 6.03
C LYS B 19 22.87 -13.66 6.23
N LEU B 20 23.05 -12.49 5.63
CA LEU B 20 24.23 -11.68 5.86
C LEU B 20 24.43 -11.28 7.30
N ILE B 21 23.52 -10.53 7.90
CA ILE B 21 23.77 -10.06 9.25
C ILE B 21 23.99 -11.26 10.16
N THR B 22 23.20 -12.31 9.96
CA THR B 22 23.48 -13.62 10.54
C THR B 22 24.98 -13.90 10.48
N SER B 23 25.41 -14.53 9.37
CA SER B 23 26.81 -14.73 9.00
C SER B 23 27.99 -13.93 9.61
N MET B 24 27.78 -12.81 10.29
CA MET B 24 28.89 -12.11 10.96
C MET B 24 29.30 -12.76 12.29
N ARG B 25 28.30 -13.09 13.08
CA ARG B 25 28.47 -14.05 14.15
C ARG B 25 28.61 -15.47 13.51
#